data_4Q7X
#
_entry.id   4Q7X
#
_cell.length_a   70.366
_cell.length_b   70.366
_cell.length_c   150.021
_cell.angle_alpha   90.00
_cell.angle_beta   90.00
_cell.angle_gamma   90.00
#
_symmetry.space_group_name_H-M   'P 41'
#
loop_
_entity.id
_entity.type
_entity.pdbx_description
1 polymer 'Serine protease 57'
2 branched alpha-L-fucopyranose-(1-6)-2-acetamido-2-deoxy-beta-D-glucopyranose
3 non-polymer 2-acetamido-2-deoxy-beta-D-glucopyranose
4 non-polymer GLYCEROL
5 water water
#
_entity_poly.entity_id   1
_entity_poly.type   'polypeptide(L)'
_entity_poly.pdbx_seq_one_letter_code
;IIGGHEVTPHSRPYMASVRFGGQHHCGGFLLRARWVVSAAHCFSHRDLRTGLVVLGAHVLSTAEPTQQVFGIDALTTHPD
YHPMTHANDICLLRLNGSAVLGPAVGLLRLPGRRARPPTAGTRCRVAGWGFVSDFEELPPGLMEAKVRVLDPDVCNSSWK
GHLTLTMLCTRSGDSHRRGFCSADSGGPLVCRNRAHGLVSFSGLWCGDPKTPDVYTQVSAFVAWIWDVVRRSSPQPGPLP
GTTRPPGEAA
;
_entity_poly.pdbx_strand_id   A,B
#
loop_
_chem_comp.id
_chem_comp.type
_chem_comp.name
_chem_comp.formula
FUC L-saccharide, alpha linking alpha-L-fucopyranose 'C6 H12 O5'
GOL non-polymer GLYCEROL 'C3 H8 O3'
NAG D-saccharide, beta linking 2-acetamido-2-deoxy-beta-D-glucopyranose 'C8 H15 N O6'
#
# COMPACT_ATOMS: atom_id res chain seq x y z
N ILE A 1 13.01 18.62 -11.72
CA ILE A 1 12.58 19.09 -10.41
C ILE A 1 13.26 20.42 -10.05
N ILE A 2 12.46 21.42 -9.67
CA ILE A 2 12.93 22.73 -9.22
C ILE A 2 12.87 22.80 -7.68
N GLY A 3 13.88 23.40 -7.05
CA GLY A 3 13.99 23.56 -5.61
C GLY A 3 13.99 22.27 -4.83
N GLY A 4 14.55 21.23 -5.44
CA GLY A 4 14.67 19.91 -4.85
C GLY A 4 16.10 19.56 -4.49
N HIS A 5 16.35 18.29 -4.23
CA HIS A 5 17.65 17.75 -3.86
C HIS A 5 17.76 16.34 -4.41
N GLU A 6 18.96 15.92 -4.74
CA GLU A 6 19.22 14.59 -5.26
C GLU A 6 18.93 13.52 -4.21
N VAL A 7 18.17 12.49 -4.57
CA VAL A 7 17.83 11.44 -3.60
C VAL A 7 18.98 10.48 -3.43
N THR A 8 19.02 9.74 -2.28
CA THR A 8 20.00 8.68 -2.04
C THR A 8 19.72 7.64 -3.14
N PRO A 9 20.74 7.21 -3.91
CA PRO A 9 20.45 6.29 -5.03
C PRO A 9 19.54 5.13 -4.67
N HIS A 10 18.45 4.94 -5.44
CA HIS A 10 17.46 3.85 -5.32
C HIS A 10 16.55 3.87 -4.05
N SER A 11 16.42 5.05 -3.41
CA SER A 11 15.57 5.26 -2.24
C SER A 11 14.09 5.47 -2.65
N ARG A 12 13.83 5.69 -3.95
CA ARG A 12 12.46 5.82 -4.51
C ARG A 12 12.33 4.71 -5.58
N PRO A 13 12.34 3.41 -5.17
CA PRO A 13 12.42 2.31 -6.14
C PRO A 13 11.30 2.14 -7.18
N TYR A 14 10.22 2.85 -6.96
CA TYR A 14 9.04 2.86 -7.82
C TYR A 14 9.19 3.80 -9.02
N MET A 15 10.19 4.73 -8.99
CA MET A 15 10.41 5.70 -10.08
C MET A 15 10.80 5.05 -11.38
N ALA A 16 10.16 5.48 -12.46
CA ALA A 16 10.32 4.97 -13.80
C ALA A 16 10.67 6.10 -14.75
N SER A 17 11.58 5.82 -15.68
CA SER A 17 12.02 6.77 -16.69
C SER A 17 11.50 6.26 -18.04
N VAL A 18 10.68 7.07 -18.70
CA VAL A 18 10.12 6.74 -19.99
C VAL A 18 11.00 7.44 -21.03
N ARG A 19 11.76 6.62 -21.80
CA ARG A 19 12.67 7.07 -22.84
C ARG A 19 12.03 6.93 -24.19
N PHE A 20 12.42 7.84 -25.08
CA PHE A 20 12.04 7.89 -26.48
C PHE A 20 13.29 8.30 -27.23
N GLY A 21 13.71 7.45 -28.17
CA GLY A 21 14.91 7.65 -28.97
C GLY A 21 16.20 7.68 -28.18
N GLY A 22 16.21 6.96 -27.05
CA GLY A 22 17.36 6.91 -26.15
C GLY A 22 17.31 7.93 -25.04
N GLN A 23 16.68 9.10 -25.29
CA GLN A 23 16.58 10.18 -24.31
C GLN A 23 15.39 10.05 -23.40
N HIS A 24 15.57 10.41 -22.11
CA HIS A 24 14.50 10.43 -21.10
C HIS A 24 13.51 11.53 -21.50
N HIS A 25 12.22 11.16 -21.59
CA HIS A 25 11.13 12.06 -21.99
C HIS A 25 10.15 12.42 -20.86
N CYS A 26 9.70 11.42 -20.09
CA CYS A 26 8.73 11.57 -19.00
C CYS A 26 9.07 10.64 -17.85
N GLY A 27 8.40 10.90 -16.73
CA GLY A 27 8.47 10.04 -15.56
C GLY A 27 7.25 9.13 -15.55
N GLY A 28 7.18 8.32 -14.53
CA GLY A 28 6.11 7.37 -14.29
C GLY A 28 6.40 6.65 -13.01
N PHE A 29 5.54 5.69 -12.64
CA PHE A 29 5.79 4.87 -11.46
C PHE A 29 5.39 3.43 -11.66
N LEU A 30 6.13 2.52 -10.99
CA LEU A 30 5.81 1.08 -11.01
C LEU A 30 4.62 0.75 -10.07
N LEU A 31 3.51 0.28 -10.69
CA LEU A 31 2.26 -0.08 -10.03
C LEU A 31 2.22 -1.56 -9.69
N ARG A 32 2.66 -2.38 -10.66
CA ARG A 32 2.76 -3.83 -10.58
C ARG A 32 3.99 -4.17 -11.38
N ALA A 33 4.45 -5.44 -11.34
CA ALA A 33 5.63 -5.93 -12.08
C ALA A 33 5.60 -5.60 -13.57
N ARG A 34 4.43 -5.73 -14.23
CA ARG A 34 4.33 -5.40 -15.66
C ARG A 34 3.48 -4.18 -16.03
N TRP A 35 3.22 -3.31 -15.04
CA TRP A 35 2.41 -2.10 -15.19
C TRP A 35 3.05 -0.85 -14.63
N VAL A 36 3.11 0.19 -15.47
CA VAL A 36 3.63 1.51 -15.17
C VAL A 36 2.53 2.54 -15.43
N VAL A 37 2.34 3.45 -14.47
CA VAL A 37 1.40 4.56 -14.61
C VAL A 37 2.23 5.75 -15.03
N SER A 38 1.77 6.47 -16.06
CA SER A 38 2.42 7.69 -16.55
C SER A 38 1.36 8.69 -16.97
N ALA A 39 1.74 9.83 -17.58
CA ALA A 39 0.78 10.88 -18.02
C ALA A 39 0.45 10.69 -19.49
N ALA A 40 -0.84 10.77 -19.83
CA ALA A 40 -1.33 10.63 -21.19
C ALA A 40 -0.59 11.51 -22.20
N HIS A 41 -0.35 12.82 -21.87
CA HIS A 41 0.33 13.78 -22.78
C HIS A 41 1.76 13.39 -23.20
N CYS A 42 2.40 12.46 -22.48
CA CYS A 42 3.73 11.97 -22.76
C CYS A 42 3.82 11.09 -23.99
N PHE A 43 2.68 10.54 -24.45
CA PHE A 43 2.60 9.57 -25.55
C PHE A 43 1.87 10.06 -26.79
N SER A 44 1.46 11.34 -26.80
CA SER A 44 0.79 11.93 -27.95
C SER A 44 1.76 11.98 -29.13
N HIS A 45 1.30 11.45 -30.28
CA HIS A 45 2.01 11.41 -31.56
C HIS A 45 3.40 10.79 -31.46
N ARG A 46 3.47 9.65 -30.78
CA ARG A 46 4.73 8.94 -30.58
C ARG A 46 4.61 7.50 -30.94
N ASP A 47 5.60 6.98 -31.68
CA ASP A 47 5.69 5.58 -32.07
C ASP A 47 6.16 4.82 -30.81
N LEU A 48 5.24 4.02 -30.21
CA LEU A 48 5.50 3.22 -29.01
C LEU A 48 6.81 2.42 -29.10
N ARG A 49 7.16 1.91 -30.31
CA ARG A 49 8.38 1.13 -30.55
C ARG A 49 9.70 1.89 -30.29
N THR A 50 9.65 3.23 -30.33
CA THR A 50 10.79 4.11 -30.05
C THR A 50 10.94 4.31 -28.52
N GLY A 51 9.92 3.88 -27.77
CA GLY A 51 9.84 3.97 -26.32
C GLY A 51 10.40 2.82 -25.53
N LEU A 52 11.06 3.15 -24.41
CA LEU A 52 11.63 2.22 -23.43
C LEU A 52 11.26 2.68 -22.00
N VAL A 53 11.09 1.72 -21.07
CA VAL A 53 10.78 2.06 -19.68
C VAL A 53 11.94 1.52 -18.81
N VAL A 54 12.58 2.42 -18.06
CA VAL A 54 13.76 2.13 -17.23
C VAL A 54 13.40 2.16 -15.75
N LEU A 55 13.60 1.03 -15.06
CA LEU A 55 13.35 0.92 -13.62
C LEU A 55 14.70 0.67 -12.98
N GLY A 56 14.81 0.93 -11.66
CA GLY A 56 16.02 0.74 -10.87
C GLY A 56 17.15 1.68 -11.20
N ALA A 57 16.79 2.83 -11.75
CA ALA A 57 17.72 3.87 -12.16
C ALA A 57 17.97 4.98 -11.12
N HIS A 58 19.16 5.61 -11.23
CA HIS A 58 19.55 6.81 -10.52
C HIS A 58 20.08 7.79 -11.54
N VAL A 59 21.29 7.49 -12.06
CA VAL A 59 22.01 8.24 -13.09
C VAL A 59 21.59 7.54 -14.38
N LEU A 60 20.76 8.24 -15.17
CA LEU A 60 20.19 7.69 -16.39
C LEU A 60 21.19 7.31 -17.44
N SER A 61 22.24 8.14 -17.61
CA SER A 61 23.33 7.95 -18.56
C SER A 61 24.23 6.71 -18.30
N THR A 62 24.23 6.17 -17.05
CA THR A 62 25.01 4.99 -16.65
C THR A 62 24.19 3.71 -16.79
N ALA A 63 24.81 2.66 -17.35
CA ALA A 63 24.24 1.32 -17.48
C ALA A 63 24.44 0.67 -16.11
N GLU A 64 23.64 1.13 -15.14
CA GLU A 64 23.67 0.68 -13.76
C GLU A 64 23.19 -0.76 -13.67
N PRO A 65 23.88 -1.62 -12.87
CA PRO A 65 23.45 -3.03 -12.76
C PRO A 65 22.04 -3.23 -12.19
N THR A 66 21.53 -2.22 -11.45
CA THR A 66 20.19 -2.26 -10.87
C THR A 66 19.09 -1.93 -11.87
N GLN A 67 19.44 -1.26 -12.99
CA GLN A 67 18.51 -0.87 -14.05
C GLN A 67 17.90 -2.07 -14.77
N GLN A 68 16.59 -2.00 -14.99
CA GLN A 68 15.78 -2.97 -15.71
C GLN A 68 15.03 -2.18 -16.78
N VAL A 69 15.34 -2.48 -18.04
CA VAL A 69 14.80 -1.78 -19.20
C VAL A 69 13.78 -2.65 -19.92
N PHE A 70 12.60 -2.08 -20.18
CA PHE A 70 11.52 -2.79 -20.83
C PHE A 70 10.92 -2.05 -22.01
N GLY A 71 10.26 -2.83 -22.85
CA GLY A 71 9.50 -2.33 -23.98
C GLY A 71 8.05 -2.22 -23.57
N ILE A 72 7.29 -1.43 -24.31
CA ILE A 72 5.87 -1.24 -24.02
C ILE A 72 5.03 -2.15 -24.92
N ASP A 73 4.30 -3.11 -24.35
CA ASP A 73 3.43 -4.01 -25.11
C ASP A 73 2.16 -3.30 -25.54
N ALA A 74 1.62 -2.45 -24.65
CA ALA A 74 0.40 -1.70 -24.90
C ALA A 74 0.27 -0.46 -24.05
N LEU A 75 -0.10 0.64 -24.73
CA LEU A 75 -0.39 1.90 -24.08
C LEU A 75 -1.91 2.02 -24.02
N THR A 76 -2.43 2.24 -22.81
CA THR A 76 -3.85 2.49 -22.59
C THR A 76 -3.99 3.93 -22.08
N THR A 77 -4.37 4.87 -22.95
CA THR A 77 -4.58 6.28 -22.59
C THR A 77 -6.00 6.39 -22.05
N HIS A 78 -6.23 7.31 -21.12
CA HIS A 78 -7.57 7.47 -20.61
C HIS A 78 -8.50 7.83 -21.79
N PRO A 79 -9.68 7.16 -21.90
CA PRO A 79 -10.57 7.41 -23.04
C PRO A 79 -11.07 8.85 -23.14
N ASP A 80 -11.11 9.55 -22.00
CA ASP A 80 -11.59 10.92 -21.92
C ASP A 80 -10.48 11.95 -21.79
N TYR A 81 -9.24 11.58 -22.16
CA TYR A 81 -8.11 12.51 -22.13
C TYR A 81 -8.30 13.65 -23.12
N HIS A 82 -8.16 14.90 -22.62
CA HIS A 82 -8.30 16.10 -23.46
C HIS A 82 -6.98 16.92 -23.51
N PRO A 83 -6.18 16.79 -24.59
CA PRO A 83 -4.91 17.54 -24.66
C PRO A 83 -4.97 19.05 -24.41
N MET A 84 -6.04 19.72 -24.86
CA MET A 84 -6.21 21.16 -24.69
C MET A 84 -6.33 21.62 -23.24
N THR A 85 -6.94 20.79 -22.40
CA THR A 85 -7.19 21.11 -21.00
C THR A 85 -6.35 20.31 -20.02
N HIS A 86 -5.76 19.18 -20.47
CA HIS A 86 -5.03 18.22 -19.63
C HIS A 86 -6.00 17.45 -18.74
N ALA A 87 -7.28 17.39 -19.15
CA ALA A 87 -8.26 16.61 -18.41
C ALA A 87 -7.97 15.13 -18.65
N ASN A 88 -8.05 14.32 -17.59
CA ASN A 88 -7.85 12.88 -17.59
C ASN A 88 -6.48 12.47 -18.14
N ASP A 89 -5.46 13.28 -17.78
CA ASP A 89 -4.08 13.15 -18.24
C ASP A 89 -3.35 12.04 -17.50
N ILE A 90 -3.75 10.82 -17.84
CA ILE A 90 -3.25 9.58 -17.22
C ILE A 90 -3.29 8.45 -18.28
N CYS A 91 -2.35 7.52 -18.16
CA CYS A 91 -2.24 6.36 -19.03
C CYS A 91 -1.57 5.20 -18.33
N LEU A 92 -1.77 4.01 -18.88
CA LEU A 92 -1.16 2.80 -18.38
C LEU A 92 -0.30 2.21 -19.44
N LEU A 93 0.85 1.70 -19.03
CA LEU A 93 1.82 1.07 -19.91
C LEU A 93 1.98 -0.36 -19.45
N ARG A 94 1.66 -1.32 -20.34
CA ARG A 94 1.83 -2.74 -20.06
C ARG A 94 3.21 -3.09 -20.61
N LEU A 95 4.13 -3.51 -19.72
CA LEU A 95 5.49 -3.83 -20.13
C LEU A 95 5.59 -5.17 -20.85
N ASN A 96 6.63 -5.35 -21.70
CA ASN A 96 6.87 -6.61 -22.43
C ASN A 96 7.60 -7.68 -21.59
N GLY A 97 7.33 -7.67 -20.29
CA GLY A 97 7.91 -8.54 -19.28
C GLY A 97 7.63 -8.04 -17.88
N SER A 98 7.97 -8.85 -16.87
CA SER A 98 7.75 -8.53 -15.47
C SER A 98 9.04 -8.09 -14.78
N ALA A 99 8.99 -6.94 -14.12
CA ALA A 99 10.11 -6.40 -13.36
C ALA A 99 10.46 -7.36 -12.20
N VAL A 100 11.76 -7.57 -11.97
CA VAL A 100 12.21 -8.38 -10.87
C VAL A 100 12.38 -7.41 -9.71
N LEU A 101 11.51 -7.53 -8.72
CA LEU A 101 11.50 -6.65 -7.56
C LEU A 101 12.64 -6.92 -6.61
N GLY A 102 13.18 -5.85 -6.06
CA GLY A 102 14.28 -5.89 -5.10
C GLY A 102 14.55 -4.53 -4.50
N PRO A 103 15.76 -4.32 -3.91
CA PRO A 103 16.08 -3.00 -3.31
C PRO A 103 15.95 -1.78 -4.22
N ALA A 104 16.30 -1.93 -5.51
CA ALA A 104 16.24 -0.82 -6.45
C ALA A 104 14.91 -0.69 -7.26
N VAL A 105 14.09 -1.76 -7.31
CA VAL A 105 12.81 -1.77 -8.04
C VAL A 105 11.69 -2.26 -7.11
N GLY A 106 10.73 -1.37 -6.84
CA GLY A 106 9.58 -1.61 -5.99
C GLY A 106 8.32 -0.94 -6.49
N LEU A 107 7.19 -1.20 -5.84
CA LEU A 107 5.89 -0.62 -6.22
C LEU A 107 5.47 0.55 -5.33
N LEU A 108 4.65 1.45 -5.92
CA LEU A 108 4.05 2.58 -5.23
C LEU A 108 2.53 2.34 -5.19
N ARG A 109 1.95 2.33 -3.97
CA ARG A 109 0.52 2.10 -3.73
C ARG A 109 -0.33 3.26 -4.23
N LEU A 110 -1.49 2.94 -4.83
CA LEU A 110 -2.48 3.92 -5.26
C LEU A 110 -3.34 4.38 -4.04
N PRO A 111 -4.05 5.55 -4.08
CA PRO A 111 -4.98 5.85 -2.99
C PRO A 111 -6.19 4.88 -3.05
N GLY A 112 -7.05 4.98 -2.05
CA GLY A 112 -8.28 4.19 -2.00
C GLY A 112 -9.15 4.48 -3.20
N ARG A 113 -9.90 3.45 -3.67
CA ARG A 113 -10.78 3.58 -4.84
C ARG A 113 -11.72 4.77 -4.75
N ARG A 114 -12.21 5.06 -3.54
CA ARG A 114 -13.12 6.18 -3.29
C ARG A 114 -12.51 7.20 -2.33
N ALA A 115 -11.17 7.29 -2.27
CA ALA A 115 -10.46 8.24 -1.43
C ALA A 115 -10.63 9.65 -1.90
N ARG A 116 -10.68 10.57 -0.94
CA ARG A 116 -10.75 11.99 -1.22
C ARG A 116 -9.36 12.50 -1.59
N PRO A 117 -9.23 13.60 -2.39
CA PRO A 117 -7.88 14.14 -2.63
C PRO A 117 -7.26 14.64 -1.31
N PRO A 118 -5.93 14.82 -1.21
CA PRO A 118 -5.39 15.37 0.05
C PRO A 118 -5.80 16.83 0.20
N THR A 119 -5.99 17.28 1.44
CA THR A 119 -6.43 18.66 1.73
C THR A 119 -5.28 19.64 1.58
N ALA A 120 -5.62 20.94 1.42
CA ALA A 120 -4.62 22.01 1.31
C ALA A 120 -3.77 22.03 2.58
N GLY A 121 -2.45 21.91 2.41
CA GLY A 121 -1.51 21.89 3.53
C GLY A 121 -0.78 20.57 3.69
N THR A 122 -1.34 19.48 3.12
CA THR A 122 -0.76 18.13 3.14
C THR A 122 0.63 18.16 2.51
N ARG A 123 1.59 17.60 3.24
CA ARG A 123 2.99 17.55 2.86
C ARG A 123 3.22 16.38 1.95
N CYS A 124 3.74 16.69 0.76
CA CYS A 124 3.99 15.73 -0.32
C CYS A 124 5.38 15.87 -0.90
N ARG A 125 5.85 14.81 -1.56
CA ARG A 125 7.14 14.81 -2.24
C ARG A 125 6.95 14.39 -3.69
N VAL A 126 7.66 15.07 -4.62
CA VAL A 126 7.60 14.83 -6.06
C VAL A 126 9.00 14.57 -6.58
N ALA A 127 9.19 13.50 -7.38
CA ALA A 127 10.52 13.15 -7.93
C ALA A 127 10.58 13.10 -9.47
N GLY A 128 11.77 13.28 -10.02
CA GLY A 128 11.99 13.22 -11.47
C GLY A 128 13.39 13.52 -11.96
N TRP A 129 13.61 13.27 -13.25
CA TRP A 129 14.87 13.55 -13.97
C TRP A 129 14.66 14.71 -14.94
N GLY A 130 13.66 15.54 -14.67
CA GLY A 130 13.33 16.71 -15.46
C GLY A 130 14.23 17.87 -15.12
N PHE A 131 14.12 18.97 -15.89
CA PHE A 131 14.93 20.17 -15.71
C PHE A 131 14.96 20.69 -14.28
N VAL A 132 16.15 21.15 -13.83
CA VAL A 132 16.33 21.66 -12.46
C VAL A 132 16.24 23.18 -12.36
N SER A 133 16.05 23.84 -13.52
CA SER A 133 15.97 25.29 -13.65
C SER A 133 15.24 25.67 -14.94
N ASP A 134 15.12 26.99 -15.20
CA ASP A 134 14.49 27.53 -16.39
C ASP A 134 15.57 27.74 -17.46
N PHE A 135 16.72 27.06 -17.30
CA PHE A 135 17.84 27.15 -18.23
C PHE A 135 18.16 25.81 -18.89
N GLU A 136 17.16 24.91 -18.91
CA GLU A 136 17.22 23.60 -19.57
C GLU A 136 18.38 22.73 -19.09
N GLU A 137 18.67 22.82 -17.79
CA GLU A 137 19.75 22.13 -17.08
C GLU A 137 19.26 20.82 -16.52
N LEU A 138 19.92 19.71 -16.87
CA LEU A 138 19.55 18.38 -16.39
C LEU A 138 20.20 18.03 -15.03
N PRO A 139 19.46 17.28 -14.19
CA PRO A 139 20.00 16.87 -12.89
C PRO A 139 21.13 15.84 -12.94
N PRO A 140 21.96 15.73 -11.86
CA PRO A 140 22.99 14.67 -11.83
C PRO A 140 22.42 13.24 -11.73
N GLY A 141 21.24 13.13 -11.11
CA GLY A 141 20.50 11.89 -10.90
C GLY A 141 19.06 12.15 -10.53
N LEU A 142 18.36 11.16 -9.98
CA LEU A 142 16.96 11.34 -9.56
C LEU A 142 16.86 12.38 -8.42
N MET A 143 16.00 13.38 -8.60
CA MET A 143 15.80 14.53 -7.70
C MET A 143 14.40 14.54 -7.08
N GLU A 144 14.25 15.18 -5.91
CA GLU A 144 12.96 15.28 -5.24
C GLU A 144 12.81 16.59 -4.48
N ALA A 145 11.63 17.21 -4.61
CA ALA A 145 11.27 18.45 -3.92
C ALA A 145 10.15 18.18 -2.92
N LYS A 146 10.17 18.93 -1.79
CA LYS A 146 9.13 18.87 -0.78
C LYS A 146 8.10 19.95 -1.13
N VAL A 147 6.83 19.54 -1.31
CA VAL A 147 5.72 20.46 -1.66
C VAL A 147 4.55 20.29 -0.71
N ARG A 148 3.64 21.28 -0.68
CA ARG A 148 2.43 21.26 0.14
C ARG A 148 1.21 21.41 -0.79
N VAL A 149 0.11 20.66 -0.53
CA VAL A 149 -1.09 20.77 -1.37
C VAL A 149 -1.66 22.21 -1.22
N LEU A 150 -2.01 22.83 -2.36
CA LEU A 150 -2.59 24.17 -2.45
C LEU A 150 -4.09 24.08 -2.65
N ASP A 151 -4.84 25.05 -2.09
CA ASP A 151 -6.29 25.10 -2.26
C ASP A 151 -6.64 25.05 -3.77
N PRO A 152 -7.51 24.10 -4.16
CA PRO A 152 -7.87 23.96 -5.58
C PRO A 152 -8.60 25.17 -6.19
N ASP A 153 -9.29 25.95 -5.34
CA ASP A 153 -10.01 27.12 -5.80
C ASP A 153 -9.09 28.26 -6.04
N VAL A 154 -8.11 28.41 -5.15
CA VAL A 154 -7.10 29.43 -5.27
C VAL A 154 -6.26 29.09 -6.50
N CYS A 155 -5.92 27.80 -6.69
CA CYS A 155 -5.17 27.31 -7.85
C CYS A 155 -5.94 27.57 -9.14
N ASN A 156 -7.26 27.27 -9.15
CA ASN A 156 -8.15 27.45 -10.28
C ASN A 156 -8.21 28.93 -10.71
N SER A 157 -8.21 29.85 -9.73
CA SER A 157 -8.21 31.29 -9.97
C SER A 157 -6.92 31.76 -10.70
N SER A 158 -5.75 31.24 -10.25
CA SER A 158 -4.41 31.47 -10.84
C SER A 158 -4.33 30.89 -12.27
N TRP A 159 -5.13 29.85 -12.53
CA TRP A 159 -5.24 29.22 -13.83
C TRP A 159 -6.46 29.71 -14.64
N LYS A 160 -7.00 30.89 -14.23
CA LYS A 160 -8.10 31.61 -14.86
C LYS A 160 -9.32 30.72 -15.20
N GLY A 161 -9.67 29.88 -14.22
CA GLY A 161 -10.81 28.99 -14.26
C GLY A 161 -10.80 27.83 -15.23
N HIS A 162 -9.60 27.33 -15.60
CA HIS A 162 -9.46 26.22 -16.56
C HIS A 162 -9.23 24.80 -15.95
N LEU A 163 -9.23 24.69 -14.63
CA LEU A 163 -9.02 23.42 -13.97
C LEU A 163 -10.30 22.59 -13.89
N THR A 164 -10.16 21.24 -13.92
CA THR A 164 -11.28 20.31 -13.77
C THR A 164 -11.30 19.82 -12.33
N LEU A 165 -12.40 19.18 -11.92
CA LEU A 165 -12.55 18.67 -10.57
C LEU A 165 -11.51 17.60 -10.18
N THR A 166 -11.02 16.86 -11.17
CA THR A 166 -10.06 15.77 -10.97
C THR A 166 -8.63 16.25 -11.15
N MET A 167 -8.35 17.43 -10.61
CA MET A 167 -7.03 18.05 -10.64
C MET A 167 -6.72 18.60 -9.24
N LEU A 168 -5.46 18.52 -8.84
CA LEU A 168 -4.98 19.06 -7.57
C LEU A 168 -3.69 19.82 -7.80
N CYS A 169 -3.37 20.75 -6.90
CA CYS A 169 -2.22 21.63 -7.03
C CYS A 169 -1.33 21.64 -5.82
N THR A 170 -0.10 22.13 -6.01
CA THR A 170 0.84 22.28 -4.92
C THR A 170 1.44 23.68 -4.88
N ARG A 171 2.13 23.97 -3.78
CA ARG A 171 2.88 25.19 -3.51
C ARG A 171 4.09 24.79 -2.69
N SER A 172 5.08 25.67 -2.60
CA SER A 172 6.24 25.45 -1.77
C SER A 172 5.85 25.80 -0.32
N GLY A 173 6.51 25.13 0.64
CA GLY A 173 6.33 25.39 2.06
C GLY A 173 6.97 26.69 2.49
N ASP A 174 7.93 27.19 1.68
CA ASP A 174 8.66 28.44 1.93
C ASP A 174 8.66 29.41 0.74
N SER A 175 9.55 30.41 0.78
CA SER A 175 9.69 31.46 -0.23
C SER A 175 10.41 30.99 -1.50
N HIS A 176 11.03 29.80 -1.46
CA HIS A 176 11.76 29.25 -2.59
C HIS A 176 10.85 28.48 -3.50
N ARG A 177 11.08 28.59 -4.83
CA ARG A 177 10.29 27.90 -5.85
C ARG A 177 10.59 26.41 -5.80
N ARG A 178 9.55 25.62 -5.55
CA ARG A 178 9.67 24.16 -5.44
C ARG A 178 8.52 23.54 -6.20
N GLY A 179 8.85 22.52 -6.98
CA GLY A 179 7.87 21.78 -7.76
C GLY A 179 8.50 21.00 -8.88
N PHE A 180 7.70 20.71 -9.92
CA PHE A 180 8.19 19.96 -11.07
C PHE A 180 8.61 20.87 -12.24
N CYS A 181 9.17 20.25 -13.29
CA CYS A 181 9.60 20.94 -14.49
C CYS A 181 9.48 19.97 -15.68
N SER A 182 9.67 20.47 -16.90
CA SER A 182 9.64 19.65 -18.11
C SER A 182 10.49 18.37 -17.96
N ALA A 183 9.82 17.21 -18.27
CA ALA A 183 10.32 15.83 -18.26
C ALA A 183 10.11 15.12 -16.94
N ASP A 184 9.40 15.79 -16.01
CA ASP A 184 8.96 15.25 -14.72
C ASP A 184 7.55 14.71 -14.87
N SER A 185 6.88 15.00 -16.01
CA SER A 185 5.51 14.59 -16.33
C SER A 185 5.30 13.13 -16.15
N GLY A 186 4.15 12.77 -15.63
CA GLY A 186 3.83 11.37 -15.39
C GLY A 186 4.34 10.81 -14.08
N GLY A 187 5.27 11.53 -13.44
CA GLY A 187 5.83 11.13 -12.15
C GLY A 187 4.80 11.34 -11.07
N PRO A 188 4.82 10.52 -10.01
CA PRO A 188 3.80 10.68 -8.96
C PRO A 188 4.08 11.81 -7.97
N LEU A 189 3.04 12.24 -7.26
CA LEU A 189 3.05 13.16 -6.13
C LEU A 189 2.72 12.22 -4.98
N VAL A 190 3.68 12.00 -4.08
CA VAL A 190 3.54 11.06 -2.97
C VAL A 190 3.25 11.82 -1.70
N CYS A 191 2.07 11.58 -1.14
CA CYS A 191 1.57 12.18 0.11
C CYS A 191 1.27 10.99 0.97
N ARG A 192 1.88 10.92 2.15
CA ARG A 192 1.69 9.83 3.12
C ARG A 192 1.74 8.42 2.48
N ASN A 193 2.78 8.17 1.66
CA ASN A 193 3.06 6.92 0.95
C ASN A 193 2.07 6.39 -0.10
N ARG A 194 1.26 7.28 -0.68
CA ARG A 194 0.31 6.90 -1.73
C ARG A 194 0.49 7.83 -2.90
N ALA A 195 0.26 7.32 -4.11
CA ALA A 195 0.35 8.15 -5.32
C ALA A 195 -0.94 8.98 -5.47
N HIS A 196 -1.01 10.16 -4.81
CA HIS A 196 -2.20 11.03 -4.86
C HIS A 196 -2.34 11.87 -6.14
N GLY A 197 -1.21 12.32 -6.67
CA GLY A 197 -1.17 13.12 -7.88
C GLY A 197 -0.25 12.54 -8.93
N LEU A 198 -0.34 13.09 -10.13
CA LEU A 198 0.51 12.72 -11.24
C LEU A 198 0.80 14.01 -11.98
N VAL A 199 2.10 14.29 -12.21
CA VAL A 199 2.59 15.51 -12.86
C VAL A 199 1.92 15.71 -14.20
N SER A 200 1.20 16.82 -14.33
CA SER A 200 0.48 17.12 -15.55
C SER A 200 1.01 18.35 -16.26
N PHE A 201 0.87 19.54 -15.66
CA PHE A 201 1.32 20.77 -16.33
C PHE A 201 1.60 21.91 -15.36
N SER A 202 2.33 22.91 -15.86
CA SER A 202 2.75 24.06 -15.08
C SER A 202 2.85 25.30 -16.01
N GLY A 203 3.36 26.40 -15.49
CA GLY A 203 3.53 27.62 -16.27
C GLY A 203 4.86 27.70 -16.99
N LEU A 204 5.14 28.85 -17.59
CA LEU A 204 6.37 29.17 -18.32
C LEU A 204 7.65 29.02 -17.47
N TRP A 205 7.54 29.38 -16.18
CA TRP A 205 8.63 29.33 -15.22
C TRP A 205 8.35 28.25 -14.20
N CYS A 206 9.23 27.25 -14.11
CA CYS A 206 9.06 26.15 -13.17
C CYS A 206 9.05 26.55 -11.68
N GLY A 207 8.02 26.06 -10.99
CA GLY A 207 7.81 26.30 -9.57
C GLY A 207 7.25 27.68 -9.23
N ASP A 208 6.98 28.53 -10.27
CA ASP A 208 6.42 29.88 -10.14
C ASP A 208 5.05 29.87 -9.47
N PRO A 209 4.93 30.52 -8.29
CA PRO A 209 3.66 30.51 -7.55
C PRO A 209 2.44 31.09 -8.25
N LYS A 210 2.66 31.95 -9.28
CA LYS A 210 1.60 32.59 -10.07
C LYS A 210 0.92 31.61 -11.03
N THR A 211 1.61 30.52 -11.37
CA THR A 211 1.08 29.45 -12.23
C THR A 211 1.36 28.15 -11.46
N PRO A 212 0.55 27.83 -10.41
CA PRO A 212 0.86 26.64 -9.58
C PRO A 212 0.91 25.30 -10.32
N ASP A 213 1.71 24.38 -9.79
CA ASP A 213 1.90 23.03 -10.28
C ASP A 213 0.61 22.24 -10.23
N VAL A 214 0.14 21.78 -11.40
CA VAL A 214 -1.10 21.02 -11.54
C VAL A 214 -0.84 19.54 -11.75
N TYR A 215 -1.57 18.75 -10.96
CA TYR A 215 -1.52 17.29 -10.98
C TYR A 215 -2.87 16.68 -11.31
N THR A 216 -2.84 15.50 -11.95
CA THR A 216 -4.03 14.69 -12.18
C THR A 216 -4.37 14.08 -10.78
N GLN A 217 -5.63 14.24 -10.32
CA GLN A 217 -6.06 13.72 -9.01
C GLN A 217 -6.27 12.25 -9.17
N VAL A 218 -5.23 11.46 -8.79
CA VAL A 218 -5.15 10.01 -8.96
C VAL A 218 -6.33 9.19 -8.42
N SER A 219 -6.85 9.55 -7.21
CA SER A 219 -7.96 8.82 -6.60
C SER A 219 -9.22 8.68 -7.47
N ALA A 220 -9.41 9.61 -8.41
CA ALA A 220 -10.55 9.60 -9.32
C ALA A 220 -10.36 8.60 -10.46
N PHE A 221 -9.17 7.98 -10.58
CA PHE A 221 -8.86 7.10 -11.68
C PHE A 221 -8.51 5.66 -11.27
N VAL A 222 -8.46 5.38 -9.95
CA VAL A 222 -8.13 4.07 -9.40
C VAL A 222 -9.07 2.95 -9.92
N ALA A 223 -10.38 3.21 -9.94
CA ALA A 223 -11.35 2.23 -10.43
C ALA A 223 -11.07 1.93 -11.91
N TRP A 224 -10.74 2.97 -12.71
CA TRP A 224 -10.41 2.84 -14.14
C TRP A 224 -9.11 2.03 -14.36
N ILE A 225 -8.02 2.37 -13.60
CA ILE A 225 -6.70 1.71 -13.60
C ILE A 225 -6.87 0.21 -13.35
N TRP A 226 -7.60 -0.17 -12.29
CA TRP A 226 -7.78 -1.58 -11.97
C TRP A 226 -8.59 -2.36 -13.00
N ASP A 227 -9.55 -1.69 -13.63
CA ASP A 227 -10.37 -2.25 -14.68
C ASP A 227 -9.57 -2.49 -15.95
N VAL A 228 -8.51 -1.67 -16.20
CA VAL A 228 -7.63 -1.84 -17.37
C VAL A 228 -6.70 -3.00 -17.09
N VAL A 229 -5.99 -2.97 -15.93
CA VAL A 229 -5.06 -4.02 -15.48
C VAL A 229 -5.73 -5.42 -15.47
N ARG A 230 -6.94 -5.51 -14.87
CA ARG A 230 -7.74 -6.73 -14.76
C ARG A 230 -8.19 -7.28 -16.10
N ARG A 231 -8.64 -6.39 -17.00
CA ARG A 231 -9.11 -6.78 -18.33
C ARG A 231 -7.97 -7.15 -19.27
N SER A 232 -6.72 -6.84 -18.87
CA SER A 232 -5.49 -7.18 -19.60
C SER A 232 -4.70 -8.31 -18.89
N SER A 233 -5.22 -8.82 -17.73
CA SER A 233 -4.65 -9.93 -16.98
C SER A 233 -4.55 -11.18 -17.91
N PRO A 234 -5.65 -11.69 -18.53
CA PRO A 234 -5.48 -12.80 -19.50
C PRO A 234 -5.06 -12.25 -20.87
N GLN A 235 -3.85 -12.62 -21.33
CA GLN A 235 -3.29 -12.16 -22.60
C GLN A 235 -2.41 -13.23 -23.22
N ILE B 1 -9.23 -10.79 2.76
CA ILE B 1 -9.29 -12.23 2.63
C ILE B 1 -9.51 -12.66 1.16
N ILE B 2 -8.65 -13.54 0.65
CA ILE B 2 -8.77 -14.10 -0.71
C ILE B 2 -9.37 -15.53 -0.61
N GLY B 3 -10.26 -15.87 -1.55
CA GLY B 3 -10.91 -17.18 -1.62
C GLY B 3 -11.73 -17.53 -0.40
N GLY B 4 -12.29 -16.52 0.24
CA GLY B 4 -13.12 -16.68 1.41
C GLY B 4 -14.60 -16.41 1.12
N HIS B 5 -15.36 -16.22 2.20
CA HIS B 5 -16.79 -15.95 2.13
C HIS B 5 -17.14 -15.05 3.31
N GLU B 6 -18.16 -14.21 3.13
CA GLU B 6 -18.63 -13.32 4.18
C GLU B 6 -19.22 -14.10 5.34
N VAL B 7 -18.83 -13.78 6.57
CA VAL B 7 -19.35 -14.52 7.74
C VAL B 7 -20.72 -14.00 8.12
N THR B 8 -21.52 -14.83 8.85
CA THR B 8 -22.81 -14.44 9.40
C THR B 8 -22.47 -13.28 10.36
N PRO B 9 -23.15 -12.11 10.25
CA PRO B 9 -22.75 -10.98 11.11
C PRO B 9 -22.57 -11.33 12.58
N HIS B 10 -21.39 -10.98 13.15
CA HIS B 10 -21.02 -11.18 14.56
C HIS B 10 -20.82 -12.64 15.06
N SER B 11 -20.57 -13.57 14.10
CA SER B 11 -20.28 -14.98 14.37
C SER B 11 -18.82 -15.21 14.80
N ARG B 12 -17.95 -14.19 14.61
CA ARG B 12 -16.53 -14.22 15.04
C ARG B 12 -16.36 -13.02 16.00
N PRO B 13 -17.03 -13.05 17.20
CA PRO B 13 -17.07 -11.85 18.07
C PRO B 13 -15.75 -11.29 18.62
N TYR B 14 -14.69 -12.07 18.48
CA TYR B 14 -13.34 -11.73 18.92
C TYR B 14 -12.61 -10.84 17.92
N MET B 15 -13.11 -10.74 16.65
CA MET B 15 -12.47 -9.94 15.60
C MET B 15 -12.45 -8.45 15.91
N ALA B 16 -11.30 -7.83 15.72
CA ALA B 16 -11.04 -6.43 16.01
C ALA B 16 -10.52 -5.74 14.77
N SER B 17 -10.97 -4.51 14.54
CA SER B 17 -10.53 -3.70 13.43
C SER B 17 -9.71 -2.54 14.01
N VAL B 18 -8.45 -2.46 13.59
CA VAL B 18 -7.54 -1.41 14.03
C VAL B 18 -7.57 -0.34 12.93
N ARG B 19 -8.16 0.83 13.28
CA ARG B 19 -8.30 1.98 12.40
C ARG B 19 -7.24 3.00 12.69
N PHE B 20 -6.83 3.70 11.64
CA PHE B 20 -5.90 4.81 11.65
C PHE B 20 -6.45 5.83 10.69
N GLY B 21 -6.69 7.05 11.20
CA GLY B 21 -7.26 8.16 10.43
C GLY B 21 -8.66 7.90 9.91
N GLY B 22 -9.41 7.07 10.63
CA GLY B 22 -10.77 6.70 10.27
C GLY B 22 -10.86 5.42 9.45
N GLN B 23 -9.81 5.12 8.64
CA GLN B 23 -9.75 3.94 7.78
C GLN B 23 -9.23 2.72 8.50
N HIS B 24 -9.80 1.54 8.18
CA HIS B 24 -9.35 0.24 8.71
C HIS B 24 -7.97 -0.05 8.13
N HIS B 25 -6.99 -0.35 9.00
CA HIS B 25 -5.60 -0.61 8.65
C HIS B 25 -5.15 -2.07 8.84
N CYS B 26 -5.48 -2.67 9.98
CA CYS B 26 -5.09 -4.03 10.35
C CYS B 26 -6.21 -4.70 11.14
N GLY B 27 -6.06 -6.01 11.29
CA GLY B 27 -6.92 -6.82 12.11
C GLY B 27 -6.24 -7.04 13.46
N GLY B 28 -6.94 -7.77 14.31
CA GLY B 28 -6.49 -8.12 15.65
C GLY B 28 -7.55 -8.99 16.28
N PHE B 29 -7.34 -9.37 17.53
CA PHE B 29 -8.36 -10.14 18.25
C PHE B 29 -8.47 -9.75 19.71
N LEU B 30 -9.69 -9.86 20.27
CA LEU B 30 -9.94 -9.59 21.68
C LEU B 30 -9.49 -10.78 22.57
N LEU B 31 -8.47 -10.51 23.42
CA LEU B 31 -7.85 -11.45 24.33
C LEU B 31 -8.50 -11.40 25.72
N ARG B 32 -8.74 -10.17 26.18
CA ARG B 32 -9.37 -9.83 27.46
C ARG B 32 -10.17 -8.59 27.16
N ALA B 33 -11.02 -8.14 28.11
CA ALA B 33 -11.86 -6.94 27.99
C ALA B 33 -11.07 -5.69 27.58
N ARG B 34 -9.86 -5.48 28.14
CA ARG B 34 -9.05 -4.31 27.79
C ARG B 34 -7.75 -4.59 27.02
N TRP B 35 -7.63 -5.79 26.43
CA TRP B 35 -6.47 -6.26 25.68
C TRP B 35 -6.79 -6.86 24.33
N VAL B 36 -6.10 -6.34 23.30
CA VAL B 36 -6.18 -6.76 21.92
C VAL B 36 -4.79 -7.18 21.45
N VAL B 37 -4.71 -8.34 20.79
CA VAL B 37 -3.47 -8.84 20.20
C VAL B 37 -3.55 -8.46 18.72
N SER B 38 -2.46 -7.88 18.19
CA SER B 38 -2.35 -7.51 16.78
C SER B 38 -0.94 -7.79 16.31
N ALA B 39 -0.56 -7.39 15.07
CA ALA B 39 0.79 -7.60 14.51
C ALA B 39 1.65 -6.35 14.70
N ALA B 40 2.88 -6.55 15.17
CA ALA B 40 3.83 -5.47 15.40
C ALA B 40 3.98 -4.51 14.20
N HIS B 41 4.11 -5.05 12.95
CA HIS B 41 4.29 -4.24 11.73
C HIS B 41 3.16 -3.23 11.42
N CYS B 42 1.98 -3.41 12.03
CA CYS B 42 0.81 -2.56 11.88
C CYS B 42 0.95 -1.21 12.53
N PHE B 43 1.90 -1.07 13.47
CA PHE B 43 2.10 0.14 14.29
C PHE B 43 3.40 0.86 14.08
N SER B 44 4.21 0.39 13.10
CA SER B 44 5.49 1.04 12.79
C SER B 44 5.23 2.42 12.22
N HIS B 45 5.90 3.43 12.83
CA HIS B 45 5.86 4.85 12.45
C HIS B 45 4.44 5.42 12.38
N ARG B 46 3.66 5.13 13.42
CA ARG B 46 2.30 5.59 13.52
C ARG B 46 2.04 6.25 14.84
N ASP B 47 1.38 7.43 14.80
CA ASP B 47 0.97 8.14 16.01
C ASP B 47 -0.24 7.38 16.58
N LEU B 48 -0.06 6.79 17.78
CA LEU B 48 -1.08 6.01 18.49
C LEU B 48 -2.39 6.76 18.67
N ARG B 49 -2.33 8.10 18.82
CA ARG B 49 -3.50 8.97 18.98
C ARG B 49 -4.44 8.99 17.77
N THR B 50 -3.93 8.58 16.58
CA THR B 50 -4.68 8.52 15.32
C THR B 50 -5.39 7.14 15.20
N GLY B 51 -5.03 6.24 16.10
CA GLY B 51 -5.57 4.88 16.15
C GLY B 51 -6.81 4.67 17.00
N LEU B 52 -7.71 3.81 16.49
CA LEU B 52 -8.94 3.37 17.15
C LEU B 52 -9.09 1.84 17.02
N VAL B 53 -9.70 1.18 18.01
CA VAL B 53 -9.93 -0.26 17.96
C VAL B 53 -11.45 -0.48 18.01
N VAL B 54 -11.99 -1.13 16.97
CA VAL B 54 -13.42 -1.39 16.80
C VAL B 54 -13.74 -2.87 17.06
N LEU B 55 -14.63 -3.11 18.02
CA LEU B 55 -15.09 -4.47 18.34
C LEU B 55 -16.57 -4.50 18.03
N GLY B 56 -17.13 -5.70 17.84
CA GLY B 56 -18.54 -5.93 17.56
C GLY B 56 -18.99 -5.46 16.18
N ALA B 57 -18.04 -5.39 15.28
CA ALA B 57 -18.26 -4.95 13.91
C ALA B 57 -18.51 -6.07 12.90
N HIS B 58 -19.25 -5.72 11.83
CA HIS B 58 -19.43 -6.55 10.66
C HIS B 58 -19.07 -5.69 9.45
N VAL B 59 -19.94 -4.70 9.13
CA VAL B 59 -19.80 -3.72 8.06
C VAL B 59 -19.14 -2.51 8.76
N LEU B 60 -17.86 -2.26 8.42
CA LEU B 60 -17.06 -1.24 9.08
C LEU B 60 -17.57 0.19 8.90
N SER B 61 -18.04 0.50 7.68
CA SER B 61 -18.59 1.81 7.29
C SER B 61 -19.90 2.21 8.02
N THR B 62 -20.63 1.25 8.60
CA THR B 62 -21.89 1.48 9.32
C THR B 62 -21.62 1.62 10.83
N ALA B 63 -22.31 2.57 11.46
CA ALA B 63 -22.26 2.81 12.90
C ALA B 63 -23.25 1.82 13.51
N GLU B 64 -22.83 0.55 13.53
CA GLU B 64 -23.63 -0.57 14.03
C GLU B 64 -23.80 -0.46 15.54
N PRO B 65 -25.02 -0.71 16.07
CA PRO B 65 -25.22 -0.60 17.53
C PRO B 65 -24.37 -1.56 18.37
N THR B 66 -23.91 -2.66 17.75
CA THR B 66 -23.07 -3.66 18.42
C THR B 66 -21.61 -3.25 18.52
N GLN B 67 -21.18 -2.28 17.69
CA GLN B 67 -19.80 -1.76 17.65
C GLN B 67 -19.43 -1.03 18.95
N GLN B 68 -18.23 -1.33 19.44
CA GLN B 68 -17.59 -0.73 20.61
C GLN B 68 -16.23 -0.24 20.13
N VAL B 69 -16.04 1.07 20.18
CA VAL B 69 -14.84 1.75 19.69
C VAL B 69 -13.99 2.25 20.86
N PHE B 70 -12.71 1.91 20.83
CA PHE B 70 -11.79 2.27 21.90
C PHE B 70 -10.52 2.93 21.40
N GLY B 71 -9.88 3.64 22.31
CA GLY B 71 -8.59 4.25 22.10
C GLY B 71 -7.55 3.31 22.68
N ILE B 72 -6.30 3.48 22.23
CA ILE B 72 -5.20 2.66 22.71
C ILE B 72 -4.45 3.42 23.81
N ASP B 73 -4.44 2.87 25.04
CA ASP B 73 -3.71 3.48 26.16
C ASP B 73 -2.23 3.22 26.05
N ALA B 74 -1.85 2.01 25.58
CA ALA B 74 -0.46 1.61 25.43
C ALA B 74 -0.26 0.49 24.43
N LEU B 75 0.74 0.69 23.55
CA LEU B 75 1.16 -0.32 22.60
C LEU B 75 2.42 -0.96 23.16
N THR B 76 2.41 -2.28 23.27
CA THR B 76 3.58 -3.05 23.69
C THR B 76 3.97 -3.93 22.50
N THR B 77 5.01 -3.53 21.75
CA THR B 77 5.55 -4.27 20.62
C THR B 77 6.52 -5.30 21.18
N HIS B 78 6.62 -6.46 20.53
CA HIS B 78 7.57 -7.44 21.00
C HIS B 78 8.98 -6.81 20.99
N PRO B 79 9.75 -6.96 22.10
CA PRO B 79 11.08 -6.32 22.17
C PRO B 79 12.06 -6.79 21.10
N ASP B 80 11.84 -8.01 20.57
CA ASP B 80 12.70 -8.60 19.56
C ASP B 80 12.10 -8.57 18.16
N TYR B 81 11.10 -7.71 17.92
CA TYR B 81 10.49 -7.55 16.60
C TYR B 81 11.50 -7.04 15.58
N HIS B 82 11.62 -7.74 14.43
CA HIS B 82 12.53 -7.35 13.35
C HIS B 82 11.77 -7.03 12.04
N PRO B 83 11.55 -5.74 11.72
CA PRO B 83 10.80 -5.40 10.49
C PRO B 83 11.30 -6.03 9.19
N MET B 84 12.61 -6.20 9.03
CA MET B 84 13.19 -6.77 7.82
C MET B 84 12.80 -8.23 7.57
N THR B 85 12.65 -9.00 8.64
CA THR B 85 12.37 -10.42 8.56
C THR B 85 10.95 -10.79 9.00
N HIS B 86 10.25 -9.89 9.72
CA HIS B 86 8.93 -10.13 10.32
C HIS B 86 9.07 -11.09 11.50
N ALA B 87 10.29 -11.18 12.08
CA ALA B 87 10.48 -12.00 13.27
C ALA B 87 9.81 -11.29 14.45
N ASN B 88 9.11 -12.07 15.30
CA ASN B 88 8.43 -11.63 16.52
C ASN B 88 7.40 -10.55 16.24
N ASP B 89 6.68 -10.71 15.10
CA ASP B 89 5.71 -9.75 14.57
C ASP B 89 4.39 -9.85 15.30
N ILE B 90 4.43 -9.39 16.54
CA ILE B 90 3.31 -9.45 17.49
C ILE B 90 3.38 -8.23 18.44
N CYS B 91 2.22 -7.77 18.87
CA CYS B 91 2.10 -6.64 19.79
C CYS B 91 0.82 -6.74 20.61
N LEU B 92 0.79 -6.02 21.73
CA LEU B 92 -0.36 -5.94 22.59
C LEU B 92 -0.83 -4.52 22.64
N LEU B 93 -2.15 -4.35 22.64
CA LEU B 93 -2.79 -3.04 22.72
C LEU B 93 -3.64 -3.02 23.96
N ARG B 94 -3.33 -2.09 24.89
CA ARG B 94 -4.12 -1.88 26.10
C ARG B 94 -5.17 -0.85 25.72
N LEU B 95 -6.44 -1.22 25.84
CA LEU B 95 -7.51 -0.28 25.50
C LEU B 95 -7.77 0.74 26.60
N ASN B 96 -8.33 1.93 26.24
CA ASN B 96 -8.66 2.99 27.21
C ASN B 96 -10.03 2.78 27.92
N GLY B 97 -10.37 1.50 28.13
CA GLY B 97 -11.59 1.03 28.74
C GLY B 97 -11.78 -0.45 28.52
N SER B 98 -12.79 -1.04 29.18
CA SER B 98 -13.10 -2.46 29.11
C SER B 98 -14.29 -2.74 28.19
N ALA B 99 -14.09 -3.65 27.24
CA ALA B 99 -15.11 -4.09 26.32
C ALA B 99 -16.23 -4.77 27.12
N VAL B 100 -17.47 -4.44 26.78
CA VAL B 100 -18.64 -5.04 27.40
C VAL B 100 -18.92 -6.29 26.57
N LEU B 101 -18.61 -7.46 27.13
CA LEU B 101 -18.79 -8.71 26.41
C LEU B 101 -20.27 -9.04 26.24
N GLY B 102 -20.59 -9.61 25.09
CA GLY B 102 -21.96 -10.01 24.76
C GLY B 102 -21.99 -10.83 23.49
N PRO B 103 -23.17 -10.92 22.84
CA PRO B 103 -23.28 -11.72 21.60
C PRO B 103 -22.34 -11.33 20.45
N ALA B 104 -22.06 -10.03 20.28
CA ALA B 104 -21.20 -9.51 19.19
C ALA B 104 -19.72 -9.22 19.59
N VAL B 105 -19.39 -9.24 20.90
CA VAL B 105 -18.04 -8.99 21.41
C VAL B 105 -17.68 -10.11 22.42
N GLY B 106 -16.70 -10.92 22.05
CA GLY B 106 -16.20 -12.04 22.84
C GLY B 106 -14.71 -12.22 22.75
N LEU B 107 -14.15 -13.16 23.54
CA LEU B 107 -12.71 -13.43 23.56
C LEU B 107 -12.32 -14.67 22.76
N LEU B 108 -11.07 -14.67 22.26
CA LEU B 108 -10.46 -15.79 21.56
C LEU B 108 -9.31 -16.33 22.42
N ARG B 109 -9.37 -17.63 22.78
CA ARG B 109 -8.37 -18.30 23.62
C ARG B 109 -7.04 -18.46 22.91
N LEU B 110 -5.93 -18.26 23.67
CA LEU B 110 -4.57 -18.49 23.16
C LEU B 110 -4.23 -20.00 23.21
N PRO B 111 -3.24 -20.52 22.44
CA PRO B 111 -2.85 -21.94 22.65
C PRO B 111 -2.16 -22.06 24.02
N GLY B 112 -1.91 -23.30 24.43
CA GLY B 112 -1.20 -23.59 25.68
C GLY B 112 0.14 -22.88 25.72
N ARG B 113 0.53 -22.47 26.94
CA ARG B 113 1.79 -21.75 27.21
C ARG B 113 2.99 -22.43 26.53
N ARG B 114 3.02 -23.79 26.52
CA ARG B 114 4.08 -24.61 25.94
C ARG B 114 3.56 -25.54 24.82
N ALA B 115 2.45 -25.16 24.17
CA ALA B 115 1.83 -25.90 23.07
C ALA B 115 2.70 -25.90 21.84
N ARG B 116 2.67 -27.01 21.13
CA ARG B 116 3.38 -27.16 19.87
C ARG B 116 2.59 -26.44 18.76
N PRO B 117 3.23 -25.96 17.66
CA PRO B 117 2.43 -25.39 16.56
C PRO B 117 1.53 -26.48 15.96
N PRO B 118 0.46 -26.15 15.22
CA PRO B 118 -0.34 -27.20 14.60
C PRO B 118 0.46 -27.89 13.48
N THR B 119 0.21 -29.17 13.27
CA THR B 119 0.93 -29.96 12.26
C THR B 119 0.40 -29.65 10.87
N ALA B 120 1.24 -29.89 9.83
CA ALA B 120 0.84 -29.68 8.44
C ALA B 120 -0.38 -30.56 8.17
N GLY B 121 -1.47 -29.93 7.72
CA GLY B 121 -2.72 -30.62 7.43
C GLY B 121 -3.89 -30.12 8.25
N THR B 122 -3.60 -29.59 9.48
CA THR B 122 -4.58 -29.01 10.41
C THR B 122 -5.43 -27.98 9.67
N ARG B 123 -6.75 -28.10 9.84
CA ARG B 123 -7.73 -27.24 9.23
C ARG B 123 -7.93 -26.04 10.11
N CYS B 124 -7.72 -24.86 9.52
CA CYS B 124 -7.80 -23.56 10.17
C CYS B 124 -8.65 -22.58 9.39
N ARG B 125 -9.14 -21.54 10.09
CA ARG B 125 -9.89 -20.47 9.46
C ARG B 125 -9.25 -19.12 9.81
N VAL B 126 -9.18 -18.21 8.81
CA VAL B 126 -8.60 -16.88 8.95
C VAL B 126 -9.62 -15.84 8.52
N ALA B 127 -9.82 -14.78 9.34
CA ALA B 127 -10.80 -13.72 9.03
C ALA B 127 -10.21 -12.31 8.93
N GLY B 128 -10.89 -11.41 8.22
CA GLY B 128 -10.46 -10.02 8.07
C GLY B 128 -11.29 -9.15 7.15
N TRP B 129 -11.00 -7.84 7.17
CA TRP B 129 -11.63 -6.82 6.32
C TRP B 129 -10.61 -6.31 5.29
N GLY B 130 -9.60 -7.13 5.01
CA GLY B 130 -8.57 -6.83 4.03
C GLY B 130 -9.02 -7.11 2.63
N PHE B 131 -8.20 -6.74 1.64
CA PHE B 131 -8.52 -6.90 0.21
C PHE B 131 -8.97 -8.31 -0.15
N VAL B 132 -9.99 -8.40 -1.05
CA VAL B 132 -10.54 -9.69 -1.47
C VAL B 132 -9.95 -10.20 -2.80
N SER B 133 -9.05 -9.40 -3.39
CA SER B 133 -8.41 -9.67 -4.67
C SER B 133 -7.10 -8.87 -4.78
N ASP B 134 -6.40 -9.03 -5.92
CA ASP B 134 -5.17 -8.32 -6.25
C ASP B 134 -5.53 -7.02 -6.98
N PHE B 135 -6.79 -6.58 -6.86
CA PHE B 135 -7.28 -5.36 -7.51
C PHE B 135 -7.74 -4.31 -6.50
N GLU B 136 -7.24 -4.42 -5.26
CA GLU B 136 -7.48 -3.47 -4.16
C GLU B 136 -8.96 -3.28 -3.86
N GLU B 137 -9.73 -4.36 -3.96
CA GLU B 137 -11.18 -4.43 -3.75
C GLU B 137 -11.50 -4.79 -2.32
N LEU B 138 -12.29 -3.96 -1.64
CA LEU B 138 -12.69 -4.18 -0.25
C LEU B 138 -13.93 -5.07 -0.11
N PRO B 139 -13.96 -5.90 0.95
CA PRO B 139 -15.13 -6.76 1.17
C PRO B 139 -16.41 -6.05 1.61
N PRO B 140 -17.60 -6.70 1.45
CA PRO B 140 -18.86 -6.07 1.95
C PRO B 140 -18.94 -6.01 3.49
N GLY B 141 -18.33 -7.00 4.15
CA GLY B 141 -18.25 -7.13 5.60
C GLY B 141 -17.11 -8.05 6.01
N LEU B 142 -17.10 -8.53 7.27
CA LEU B 142 -16.06 -9.45 7.74
C LEU B 142 -16.11 -10.78 6.94
N MET B 143 -14.95 -11.18 6.40
CA MET B 143 -14.76 -12.36 5.53
C MET B 143 -13.88 -13.43 6.18
N GLU B 144 -14.03 -14.69 5.76
CA GLU B 144 -13.22 -15.78 6.29
C GLU B 144 -12.94 -16.85 5.24
N ALA B 145 -11.69 -17.32 5.19
CA ALA B 145 -11.25 -18.37 4.29
C ALA B 145 -10.85 -19.62 5.08
N LYS B 146 -11.09 -20.81 4.49
CA LYS B 146 -10.70 -22.09 5.06
C LYS B 146 -9.31 -22.41 4.53
N VAL B 147 -8.34 -22.61 5.42
CA VAL B 147 -6.94 -22.94 5.07
C VAL B 147 -6.44 -24.18 5.81
N ARG B 148 -5.36 -24.79 5.31
CA ARG B 148 -4.72 -25.95 5.92
C ARG B 148 -3.26 -25.60 6.25
N VAL B 149 -2.76 -26.04 7.42
CA VAL B 149 -1.36 -25.77 7.78
C VAL B 149 -0.42 -26.48 6.76
N LEU B 150 0.59 -25.73 6.26
CA LEU B 150 1.60 -26.18 5.31
C LEU B 150 2.89 -26.52 6.02
N ASP B 151 3.62 -27.55 5.52
CA ASP B 151 4.91 -27.91 6.09
C ASP B 151 5.83 -26.68 6.15
N PRO B 152 6.39 -26.41 7.34
CA PRO B 152 7.26 -25.22 7.51
C PRO B 152 8.54 -25.25 6.69
N ASP B 153 9.03 -26.45 6.37
CA ASP B 153 10.25 -26.59 5.59
C ASP B 153 9.99 -26.34 4.14
N VAL B 154 8.84 -26.81 3.66
CA VAL B 154 8.42 -26.60 2.28
C VAL B 154 8.15 -25.10 2.13
N CYS B 155 7.49 -24.49 3.13
CA CYS B 155 7.21 -23.06 3.16
C CYS B 155 8.50 -22.24 3.15
N ASN B 156 9.47 -22.63 3.99
CA ASN B 156 10.78 -21.99 4.11
C ASN B 156 11.54 -22.00 2.77
N SER B 157 11.48 -23.11 2.00
CA SER B 157 12.10 -23.23 0.67
C SER B 157 11.50 -22.20 -0.30
N SER B 158 10.15 -22.10 -0.32
CA SER B 158 9.38 -21.15 -1.15
C SER B 158 9.73 -19.70 -0.78
N TRP B 159 10.13 -19.49 0.48
CA TRP B 159 10.56 -18.20 1.00
C TRP B 159 12.09 -18.04 1.02
N LYS B 160 12.77 -18.90 0.23
CA LYS B 160 14.23 -18.91 0.01
C LYS B 160 15.06 -18.84 1.31
N GLY B 161 14.62 -19.61 2.30
CA GLY B 161 15.26 -19.78 3.59
C GLY B 161 15.25 -18.61 4.55
N HIS B 162 14.25 -17.72 4.46
CA HIS B 162 14.14 -16.53 5.31
C HIS B 162 13.19 -16.63 6.54
N LEU B 163 12.57 -17.78 6.74
CA LEU B 163 11.65 -17.98 7.84
C LEU B 163 12.38 -18.31 9.16
N THR B 164 11.78 -17.89 10.30
CA THR B 164 12.31 -18.18 11.63
C THR B 164 11.52 -19.35 12.19
N LEU B 165 12.02 -19.96 13.29
CA LEU B 165 11.37 -21.10 13.92
C LEU B 165 9.96 -20.79 14.45
N THR B 166 9.70 -19.54 14.82
CA THR B 166 8.45 -19.10 15.40
C THR B 166 7.52 -18.52 14.33
N MET B 167 7.47 -19.21 13.19
CA MET B 167 6.62 -18.87 12.06
C MET B 167 5.95 -20.15 11.55
N LEU B 168 4.70 -20.04 11.11
CA LEU B 168 3.96 -21.15 10.52
C LEU B 168 3.27 -20.66 9.25
N CYS B 169 2.95 -21.59 8.35
CA CYS B 169 2.37 -21.29 7.05
C CYS B 169 1.11 -22.06 6.76
N THR B 170 0.37 -21.57 5.77
CA THR B 170 -0.84 -22.24 5.29
C THR B 170 -0.84 -22.41 3.79
N ARG B 171 -1.78 -23.22 3.32
CA ARG B 171 -2.07 -23.50 1.92
C ARG B 171 -3.58 -23.71 1.82
N SER B 172 -4.11 -23.64 0.60
CA SER B 172 -5.51 -23.91 0.36
C SER B 172 -5.70 -25.45 0.32
N GLY B 173 -6.88 -25.90 0.70
CA GLY B 173 -7.25 -27.32 0.65
C GLY B 173 -7.49 -27.80 -0.78
N ASP B 174 -7.76 -26.84 -1.68
CA ASP B 174 -8.03 -27.10 -3.10
C ASP B 174 -7.16 -26.28 -4.06
N SER B 175 -7.53 -26.25 -5.35
CA SER B 175 -6.81 -25.55 -6.42
C SER B 175 -7.05 -24.02 -6.42
N HIS B 176 -8.00 -23.54 -5.61
CA HIS B 176 -8.31 -22.12 -5.52
C HIS B 176 -7.45 -21.44 -4.50
N ARG B 177 -7.05 -20.19 -4.80
CA ARG B 177 -6.21 -19.38 -3.92
C ARG B 177 -7.01 -18.96 -2.71
N ARG B 178 -6.55 -19.35 -1.52
CA ARG B 178 -7.21 -19.04 -0.26
C ARG B 178 -6.16 -18.61 0.74
N GLY B 179 -6.46 -17.54 1.44
CA GLY B 179 -5.58 -17.01 2.47
C GLY B 179 -5.90 -15.57 2.82
N PHE B 180 -4.90 -14.87 3.35
CA PHE B 180 -5.06 -13.46 3.72
C PHE B 180 -4.57 -12.50 2.62
N CYS B 181 -4.80 -11.19 2.84
CA CYS B 181 -4.38 -10.14 1.93
C CYS B 181 -4.12 -8.86 2.77
N SER B 182 -3.57 -7.82 2.14
CA SER B 182 -3.30 -6.55 2.78
C SER B 182 -4.52 -6.04 3.58
N ALA B 183 -4.28 -5.73 4.88
CA ALA B 183 -5.17 -5.20 5.90
C ALA B 183 -5.83 -6.28 6.74
N ASP B 184 -5.41 -7.54 6.51
CA ASP B 184 -5.80 -8.72 7.30
C ASP B 184 -4.77 -8.96 8.38
N SER B 185 -3.62 -8.26 8.32
CA SER B 185 -2.50 -8.36 9.26
C SER B 185 -2.94 -8.23 10.67
N GLY B 186 -2.34 -9.01 11.56
CA GLY B 186 -2.69 -8.99 12.97
C GLY B 186 -3.89 -9.83 13.34
N GLY B 187 -4.67 -10.26 12.34
CA GLY B 187 -5.83 -11.10 12.56
C GLY B 187 -5.38 -12.50 12.91
N PRO B 188 -6.14 -13.24 13.72
CA PRO B 188 -5.69 -14.59 14.10
C PRO B 188 -5.96 -15.68 13.05
N LEU B 189 -5.26 -16.80 13.16
CA LEU B 189 -5.43 -18.03 12.42
C LEU B 189 -6.00 -18.94 13.50
N VAL B 190 -7.26 -19.35 13.34
CA VAL B 190 -7.96 -20.15 14.33
C VAL B 190 -7.99 -21.59 13.87
N CYS B 191 -7.35 -22.48 14.65
CA CYS B 191 -7.30 -23.93 14.45
C CYS B 191 -7.82 -24.47 15.74
N ARG B 192 -8.85 -25.34 15.69
CA ARG B 192 -9.45 -25.99 16.87
C ARG B 192 -9.83 -25.02 18.02
N ASN B 193 -10.34 -23.84 17.66
CA ASN B 193 -10.78 -22.76 18.57
C ASN B 193 -9.70 -22.05 19.38
N ARG B 194 -8.47 -22.02 18.87
CA ARG B 194 -7.34 -21.32 19.52
C ARG B 194 -6.64 -20.48 18.50
N ALA B 195 -6.10 -19.33 18.94
CA ALA B 195 -5.33 -18.44 18.06
C ALA B 195 -3.91 -19.01 17.90
N HIS B 196 -3.70 -19.97 16.97
CA HIS B 196 -2.38 -20.59 16.73
C HIS B 196 -1.40 -19.73 15.92
N GLY B 197 -1.94 -18.86 15.07
CA GLY B 197 -1.17 -17.98 14.22
C GLY B 197 -1.70 -16.56 14.21
N LEU B 198 -0.91 -15.65 13.65
CA LEU B 198 -1.27 -14.25 13.52
C LEU B 198 -0.72 -13.81 12.18
N VAL B 199 -1.59 -13.20 11.35
CA VAL B 199 -1.27 -12.76 9.99
C VAL B 199 -0.06 -11.86 10.01
N SER B 200 0.99 -12.28 9.29
CA SER B 200 2.22 -11.52 9.25
C SER B 200 2.53 -11.00 7.86
N PHE B 201 2.83 -11.90 6.89
CA PHE B 201 3.19 -11.45 5.55
C PHE B 201 2.94 -12.51 4.47
N SER B 202 2.92 -12.06 3.23
CA SER B 202 2.65 -12.89 2.07
C SER B 202 3.42 -12.34 0.84
N GLY B 203 3.17 -12.90 -0.34
CA GLY B 203 3.82 -12.45 -1.57
C GLY B 203 3.06 -11.34 -2.26
N LEU B 204 3.51 -10.99 -3.48
CA LEU B 204 2.93 -9.98 -4.35
C LEU B 204 1.47 -10.24 -4.70
N TRP B 205 1.11 -11.53 -4.88
CA TRP B 205 -0.23 -11.98 -5.22
C TRP B 205 -0.83 -12.72 -4.05
N CYS B 206 -1.96 -12.22 -3.53
CA CYS B 206 -2.64 -12.83 -2.38
C CYS B 206 -3.12 -14.28 -2.62
N GLY B 207 -2.76 -15.15 -1.68
CA GLY B 207 -3.11 -16.56 -1.69
C GLY B 207 -2.31 -17.42 -2.65
N ASP B 208 -1.33 -16.81 -3.39
CA ASP B 208 -0.45 -17.47 -4.35
C ASP B 208 0.39 -18.57 -3.69
N PRO B 209 0.21 -19.84 -4.14
CA PRO B 209 0.95 -20.96 -3.51
C PRO B 209 2.47 -20.92 -3.57
N LYS B 210 3.03 -20.14 -4.51
CA LYS B 210 4.49 -19.98 -4.71
C LYS B 210 5.11 -19.11 -3.60
N THR B 211 4.30 -18.28 -2.94
CA THR B 211 4.72 -17.42 -1.83
C THR B 211 3.69 -17.68 -0.72
N PRO B 212 3.78 -18.83 0.01
CA PRO B 212 2.74 -19.15 1.01
C PRO B 212 2.55 -18.13 2.14
N ASP B 213 1.31 -18.10 2.66
CA ASP B 213 0.89 -17.24 3.75
C ASP B 213 1.64 -17.55 5.02
N VAL B 214 2.37 -16.55 5.55
CA VAL B 214 3.19 -16.68 6.75
C VAL B 214 2.53 -16.02 7.94
N TYR B 215 2.50 -16.80 9.04
CA TYR B 215 1.95 -16.39 10.32
C TYR B 215 2.98 -16.41 11.42
N THR B 216 2.81 -15.53 12.43
CA THR B 216 3.59 -15.56 13.66
C THR B 216 3.06 -16.79 14.45
N GLN B 217 3.94 -17.69 14.86
CA GLN B 217 3.53 -18.88 15.61
C GLN B 217 3.25 -18.46 17.04
N VAL B 218 1.95 -18.21 17.33
CA VAL B 218 1.43 -17.66 18.59
C VAL B 218 1.87 -18.36 19.87
N SER B 219 1.88 -19.72 19.88
CA SER B 219 2.26 -20.51 21.06
C SER B 219 3.63 -20.15 21.67
N ALA B 220 4.53 -19.61 20.84
CA ALA B 220 5.88 -19.20 21.27
C ALA B 220 5.85 -17.86 22.00
N PHE B 221 4.70 -17.18 22.04
CA PHE B 221 4.61 -15.84 22.60
C PHE B 221 3.63 -15.72 23.78
N VAL B 222 2.92 -16.80 24.11
CA VAL B 222 1.94 -16.85 25.19
C VAL B 222 2.52 -16.44 26.55
N ALA B 223 3.70 -16.96 26.88
CA ALA B 223 4.36 -16.62 28.16
C ALA B 223 4.67 -15.11 28.18
N TRP B 224 5.13 -14.54 27.04
CA TRP B 224 5.43 -13.10 26.91
C TRP B 224 4.15 -12.23 27.04
N ILE B 225 3.05 -12.61 26.32
CA ILE B 225 1.73 -11.96 26.34
C ILE B 225 1.21 -11.86 27.77
N TRP B 226 1.22 -12.99 28.53
CA TRP B 226 0.71 -12.99 29.89
C TRP B 226 1.53 -12.15 30.86
N ASP B 227 2.85 -12.08 30.64
CA ASP B 227 3.74 -11.28 31.44
C ASP B 227 3.49 -9.80 31.20
N VAL B 228 3.17 -9.40 29.95
CA VAL B 228 2.86 -8.01 29.61
C VAL B 228 1.53 -7.61 30.25
N VAL B 229 0.47 -8.41 30.04
CA VAL B 229 -0.87 -8.20 30.61
C VAL B 229 -0.80 -8.13 32.15
N ARG B 230 -0.10 -9.11 32.76
CA ARG B 230 0.08 -9.22 34.21
C ARG B 230 0.78 -8.01 34.82
N ARG B 231 1.81 -7.50 34.14
CA ARG B 231 2.57 -6.37 34.63
C ARG B 231 1.91 -4.99 34.42
N SER B 232 0.86 -4.90 33.57
CA SER B 232 0.14 -3.64 33.35
C SER B 232 -1.16 -3.56 34.17
C1 NAG C . -12.77 26.92 -11.96
C2 NAG C . -13.92 25.97 -11.62
C3 NAG C . -15.04 26.16 -12.66
C4 NAG C . -15.48 27.61 -12.71
C5 NAG C . -14.30 28.53 -12.98
C6 NAG C . -14.64 29.99 -12.80
C7 NAG C . -13.45 23.84 -10.49
C8 NAG C . -12.92 22.45 -10.67
N2 NAG C . -13.48 24.60 -11.60
O3 NAG C . -16.15 25.34 -12.33
O4 NAG C . -16.42 27.77 -13.76
O5 NAG C . -13.23 28.27 -12.04
O6 NAG C . -13.57 30.83 -13.19
O7 NAG C . -13.81 24.26 -9.40
C1 FUC C . -13.94 32.17 -13.28
C2 FUC C . -12.66 33.05 -13.23
C3 FUC C . -11.95 33.08 -14.58
C4 FUC C . -12.91 33.48 -15.70
C5 FUC C . -14.03 32.45 -15.74
C6 FUC C . -15.09 32.75 -16.78
O2 FUC C . -11.76 32.59 -12.23
O3 FUC C . -10.86 33.99 -14.52
O4 FUC C . -13.44 34.77 -15.45
O5 FUC C . -14.70 32.43 -14.46
C1 NAG D . 15.12 -22.01 6.47
C2 NAG D . 15.59 -22.50 7.84
C3 NAG D . 17.03 -22.05 8.08
C4 NAG D . 17.93 -22.53 6.95
C5 NAG D . 17.40 -22.07 5.60
C6 NAG D . 18.14 -22.73 4.45
C7 NAG D . 13.94 -22.79 9.65
C8 NAG D . 13.09 -22.09 10.66
N2 NAG D . 14.72 -22.00 8.90
O3 NAG D . 17.51 -22.59 9.31
O4 NAG D . 19.24 -22.01 7.14
O5 NAG D . 16.02 -22.44 5.44
O6 NAG D . 17.72 -22.21 3.20
O7 NAG D . 13.92 -24.02 9.52
C1 FUC D . 18.53 -22.62 2.14
C2 FUC D . 17.78 -22.42 0.82
C3 FUC D . 17.80 -20.96 0.36
C4 FUC D . 19.22 -20.41 0.33
C5 FUC D . 19.80 -20.52 1.74
C6 FUC D . 21.23 -20.03 1.85
O2 FUC D . 16.43 -22.87 0.92
O3 FUC D . 17.19 -20.83 -0.92
O4 FUC D . 20.02 -21.16 -0.59
O5 FUC D . 19.79 -21.90 2.14
C1 NAG E . 11.04 -5.60 -25.02
C2 NAG E . 11.92 -6.77 -25.45
C3 NAG E . 13.33 -6.24 -25.75
C4 NAG E . 13.28 -5.12 -26.79
C5 NAG E . 12.32 -4.01 -26.35
C6 NAG E . 12.09 -2.94 -27.39
C7 NAG E . 11.31 -8.97 -24.51
C8 NAG E . 11.39 -9.85 -23.29
N2 NAG E . 11.95 -7.79 -24.42
O3 NAG E . 14.17 -7.30 -26.20
O4 NAG E . 14.58 -4.58 -26.98
O5 NAG E . 11.04 -4.57 -26.03
O6 NAG E . 11.15 -3.33 -28.39
O7 NAG E . 10.70 -9.31 -25.51
C1 GOL F . 5.88 16.74 -22.36
O1 GOL F . 5.54 15.63 -23.21
C2 GOL F . 6.54 16.30 -21.07
O2 GOL F . 7.88 15.88 -21.32
C3 GOL F . 6.56 17.46 -20.09
O3 GOL F . 7.32 17.11 -18.93
C1 GOL G . -13.10 10.95 -14.01
O1 GOL G . -14.34 11.63 -13.95
C2 GOL G . -13.24 9.60 -14.69
O2 GOL G . -13.43 9.79 -16.09
C3 GOL G . -12.01 8.77 -14.42
O3 GOL G . -12.19 7.38 -14.67
C1 NAG H . -10.59 6.57 24.29
C2 NAG H . -11.56 7.58 24.91
C3 NAG H . -12.41 8.19 23.80
C4 NAG H . -11.52 8.83 22.73
C5 NAG H . -10.52 7.82 22.19
C6 NAG H . -9.49 8.39 21.25
C7 NAG H . -12.27 7.07 27.23
C8 NAG H . -13.18 6.22 28.08
N2 NAG H . -12.41 6.92 25.90
O3 NAG H . -13.31 9.16 24.34
O4 NAG H . -12.32 9.34 21.66
O5 NAG H . -9.79 7.22 23.28
O6 NAG H . -8.42 9.06 21.92
O7 NAG H . -11.45 7.84 27.72
C1 GOL I . 0.71 -3.38 6.55
O1 GOL I . 0.96 -2.34 7.50
C2 GOL I . -0.57 -4.15 6.84
O2 GOL I . -1.71 -3.29 6.65
C3 GOL I . -0.66 -5.32 5.88
O3 GOL I . -1.88 -6.04 6.06
#